data_8VWC
#
_entry.id   8VWC
#
_cell.length_a   1.00
_cell.length_b   1.00
_cell.length_c   1.00
_cell.angle_alpha   90.00
_cell.angle_beta   90.00
_cell.angle_gamma   90.00
#
_symmetry.space_group_name_H-M   'P 1'
#
loop_
_entity.id
_entity.type
_entity.pdbx_description
1 polymer 'ATP-dependent zinc metalloprotease FtsH'
2 non-polymer 'MAGNESIUM ION'
3 non-polymer 'ZINC ION'
4 non-polymer "ADENOSINE-5'-TRIPHOSPHATE"
#
_entity_poly.entity_id   1
_entity_poly.type   'polypeptide(L)'
_entity_poly.pdbx_seq_one_letter_code
;SGGATMYKPSGNKRVTFKDVGGAEEAIEELKEVVEFLKDPSKFNRIGARMPKGILLVGPPGTGKTLLARAVAGEANVPFF
HISGSDFVELFVGVGAARVRDLFAQAKAHAPSIVFIDEIDAVGRHRGAGLGGGHDEREQTLNQLLVEMDGFDSKEGIIVM
AATNRPDILDPALLRPGRFDKKIVVDPPDMLGRKKILEIHTRNKPLAEDVNLEIIAKRTPGFVGADLENLVNEAALLAAR
EGRDKITMKDFEEAIDRVIAGPARKSLLISPAEKRIIAYHEAGHAVVSTVVPNGEPVHRISIIPRGYKALGYTLHLPEED
KYLVSRNELLDKLTALLGGRAAEEVVFGDVTSGAANDIERATEIARNMVSQLGMSEELGPLAWGKEEQEVFLGKEITRLR
NYSEEVASKIDEEVKKIVTNSYERAKEIIRKYRKQLDNIVEILLEKETIEGDELRRILSEEFEKVVE
;
_entity_poly.pdbx_strand_id   A
#
loop_
_chem_comp.id
_chem_comp.type
_chem_comp.name
_chem_comp.formula
ATP non-polymer ADENOSINE-5'-TRIPHOSPHATE 'C10 H16 N5 O13 P3'
MG non-polymer 'MAGNESIUM ION' 'Mg 2'
ZN non-polymer 'ZINC ION' 'Zn 2'
#
# COMPACT_ATOMS: atom_id res chain seq x y z
N ARG A 14 -14.99 -15.22 13.60
CA ARG A 14 -14.90 -13.88 14.17
C ARG A 14 -13.46 -13.45 14.34
N VAL A 15 -13.16 -12.22 13.92
CA VAL A 15 -11.82 -11.64 14.06
C VAL A 15 -11.96 -10.23 14.62
N THR A 16 -10.88 -9.75 15.22
CA THR A 16 -10.81 -8.41 15.76
C THR A 16 -9.46 -7.82 15.38
N PHE A 17 -9.13 -6.66 15.96
CA PHE A 17 -7.88 -5.98 15.63
C PHE A 17 -6.66 -6.69 16.18
N LYS A 18 -6.83 -7.71 17.02
CA LYS A 18 -5.72 -8.50 17.52
C LYS A 18 -5.21 -9.53 16.52
N ASP A 19 -5.92 -9.71 15.40
CA ASP A 19 -5.52 -10.66 14.37
C ASP A 19 -4.84 -9.97 13.19
N VAL A 20 -4.43 -8.72 13.34
CA VAL A 20 -3.86 -7.93 12.25
C VAL A 20 -2.48 -7.45 12.69
N GLY A 21 -1.51 -7.54 11.77
CA GLY A 21 -0.15 -7.14 12.04
C GLY A 21 0.36 -6.14 11.02
N GLY A 22 1.14 -5.17 11.50
CA GLY A 22 1.79 -4.21 10.63
C GLY A 22 0.87 -3.27 9.87
N ALA A 23 -0.20 -2.81 10.52
CA ALA A 23 -1.14 -1.88 9.88
C ALA A 23 -1.55 -0.81 10.88
N GLU A 24 -0.58 -0.24 11.60
CA GLU A 24 -0.88 0.68 12.68
C GLU A 24 -1.57 1.94 12.16
N GLU A 25 -1.07 2.52 11.07
CA GLU A 25 -1.65 3.75 10.56
C GLU A 25 -3.08 3.54 10.05
N ALA A 26 -3.31 2.44 9.35
CA ALA A 26 -4.66 2.15 8.84
C ALA A 26 -5.64 1.92 9.98
N ILE A 27 -5.21 1.20 11.02
CA ILE A 27 -6.08 0.95 12.17
C ILE A 27 -6.39 2.24 12.91
N GLU A 28 -5.47 3.21 12.87
CA GLU A 28 -5.72 4.50 13.52
C GLU A 28 -6.88 5.23 12.86
N GLU A 29 -6.98 5.17 11.53
CA GLU A 29 -8.03 5.87 10.82
C GLU A 29 -9.39 5.20 10.99
N LEU A 30 -9.41 3.90 11.27
CA LEU A 30 -10.66 3.15 11.38
C LEU A 30 -11.26 3.18 12.77
N LYS A 31 -10.57 3.77 13.75
CA LYS A 31 -11.13 3.88 15.09
C LYS A 31 -12.38 4.75 15.12
N GLU A 32 -12.43 5.76 14.25
CA GLU A 32 -13.60 6.63 14.17
C GLU A 32 -14.84 5.87 13.73
N VAL A 33 -14.69 4.93 12.80
CA VAL A 33 -15.82 4.16 12.31
C VAL A 33 -16.38 3.26 13.40
N VAL A 34 -15.53 2.65 14.22
CA VAL A 34 -16.02 1.76 15.27
C VAL A 34 -16.85 2.54 16.29
N GLU A 35 -16.38 3.72 16.69
CA GLU A 35 -17.12 4.52 17.66
C GLU A 35 -18.48 4.94 17.11
N PHE A 36 -18.54 5.32 15.84
CA PHE A 36 -19.80 5.75 15.24
C PHE A 36 -20.82 4.61 15.23
N LEU A 37 -20.38 3.40 14.91
CA LEU A 37 -21.30 2.27 14.84
C LEU A 37 -21.81 1.83 16.20
N LYS A 38 -21.06 2.10 17.27
CA LYS A 38 -21.49 1.71 18.61
C LYS A 38 -22.57 2.63 19.17
N ASP A 39 -22.54 3.92 18.82
CA ASP A 39 -23.55 4.86 19.30
C ASP A 39 -23.66 6.07 18.38
N PRO A 40 -24.51 6.01 17.36
CA PRO A 40 -24.61 7.15 16.42
C PRO A 40 -25.07 8.44 17.08
N SER A 41 -25.85 8.38 18.16
CA SER A 41 -26.41 9.58 18.74
C SER A 41 -25.35 10.54 19.24
N LYS A 42 -24.18 10.04 19.62
CA LYS A 42 -23.10 10.91 20.08
C LYS A 42 -22.56 11.79 18.96
N PHE A 43 -22.64 11.34 17.71
CA PHE A 43 -22.25 12.16 16.57
C PHE A 43 -23.34 13.13 16.15
N ASN A 44 -24.61 12.71 16.27
CA ASN A 44 -25.71 13.53 15.81
C ASN A 44 -25.93 14.77 16.68
N ARG A 45 -25.70 14.66 17.98
CA ARG A 45 -26.02 15.74 18.90
C ARG A 45 -25.11 16.95 18.75
N ILE A 46 -24.01 16.85 18.00
CA ILE A 46 -23.16 18.00 17.74
C ILE A 46 -22.99 18.26 16.25
N GLY A 47 -23.81 17.62 15.40
CA GLY A 47 -23.80 17.92 13.99
C GLY A 47 -22.62 17.41 13.20
N ALA A 48 -21.94 16.36 13.67
CA ALA A 48 -20.81 15.80 12.94
C ALA A 48 -21.32 14.82 11.87
N ARG A 49 -20.95 15.07 10.62
CA ARG A 49 -21.48 14.33 9.48
C ARG A 49 -20.42 13.36 8.99
N MET A 50 -20.79 12.07 8.89
CA MET A 50 -19.91 10.98 8.50
C MET A 50 -19.98 10.76 6.99
N PRO A 51 -18.88 10.30 6.38
CA PRO A 51 -18.93 9.94 4.96
C PRO A 51 -19.81 8.71 4.73
N LYS A 52 -20.35 8.63 3.52
CA LYS A 52 -21.22 7.51 3.18
C LYS A 52 -20.45 6.28 2.71
N GLY A 53 -19.28 6.46 2.13
CA GLY A 53 -18.50 5.34 1.64
C GLY A 53 -17.02 5.54 1.91
N ILE A 54 -16.31 4.42 2.06
CA ILE A 54 -14.89 4.39 2.32
C ILE A 54 -14.23 3.39 1.39
N LEU A 55 -13.06 3.74 0.86
CA LEU A 55 -12.33 2.92 -0.10
C LEU A 55 -10.98 2.50 0.48
N LEU A 56 -10.68 1.20 0.40
CA LEU A 56 -9.38 0.64 0.78
C LEU A 56 -8.62 0.27 -0.49
N VAL A 57 -7.37 0.71 -0.58
CA VAL A 57 -6.54 0.48 -1.75
C VAL A 57 -5.20 -0.08 -1.32
N GLY A 58 -4.74 -1.12 -2.02
CA GLY A 58 -3.46 -1.73 -1.74
C GLY A 58 -3.15 -2.91 -2.62
N PRO A 59 -1.92 -3.41 -2.57
CA PRO A 59 -1.54 -4.59 -3.35
C PRO A 59 -2.21 -5.85 -2.83
N PRO A 60 -2.34 -6.87 -3.68
CA PRO A 60 -3.00 -8.11 -3.24
C PRO A 60 -2.23 -8.83 -2.12
N GLY A 61 -3.00 -9.44 -1.22
CA GLY A 61 -2.46 -10.20 -0.12
C GLY A 61 -2.12 -9.42 1.13
N THR A 62 -2.38 -8.11 1.16
CA THR A 62 -2.02 -7.27 2.29
C THR A 62 -3.08 -7.21 3.37
N GLY A 63 -4.27 -7.74 3.14
CA GLY A 63 -5.27 -7.84 4.20
C GLY A 63 -6.37 -6.80 4.18
N LYS A 64 -6.87 -6.45 2.99
CA LYS A 64 -7.98 -5.51 2.88
C LYS A 64 -9.30 -6.14 3.29
N THR A 65 -9.53 -7.40 2.92
CA THR A 65 -10.75 -8.09 3.34
C THR A 65 -10.76 -8.38 4.83
N LEU A 66 -9.59 -8.68 5.40
CA LEU A 66 -9.50 -8.96 6.83
C LEU A 66 -9.75 -7.71 7.67
N LEU A 67 -9.30 -6.55 7.22
CA LEU A 67 -9.51 -5.32 7.98
C LEU A 67 -10.99 -4.98 8.09
N ALA A 68 -11.75 -5.18 7.00
CA ALA A 68 -13.17 -4.91 7.02
C ALA A 68 -13.91 -5.81 8.00
N ARG A 69 -13.53 -7.09 8.04
CA ARG A 69 -14.19 -8.03 8.96
C ARG A 69 -13.84 -7.73 10.41
N ALA A 70 -12.67 -7.17 10.67
CA ALA A 70 -12.29 -6.82 12.04
C ALA A 70 -13.08 -5.62 12.55
N VAL A 71 -13.52 -4.73 11.66
CA VAL A 71 -14.35 -3.60 12.07
C VAL A 71 -15.70 -4.08 12.58
N ALA A 72 -16.30 -5.05 11.89
CA ALA A 72 -17.58 -5.61 12.31
C ALA A 72 -17.48 -6.49 13.54
N GLY A 73 -16.26 -6.83 13.97
CA GLY A 73 -16.08 -7.61 15.18
C GLY A 73 -15.88 -6.74 16.41
N GLU A 74 -15.14 -5.65 16.24
CA GLU A 74 -14.95 -4.71 17.34
C GLU A 74 -16.27 -4.07 17.76
N ALA A 75 -17.18 -3.89 16.83
CA ALA A 75 -18.56 -3.49 17.09
C ALA A 75 -19.48 -4.61 16.65
N ASN A 76 -20.31 -5.11 17.57
CA ASN A 76 -21.16 -6.25 17.27
C ASN A 76 -22.32 -5.81 16.39
N VAL A 77 -22.06 -5.77 15.09
CA VAL A 77 -23.09 -5.39 14.11
C VAL A 77 -23.09 -6.40 12.98
N PRO A 78 -24.22 -6.53 12.28
CA PRO A 78 -24.28 -7.45 11.14
C PRO A 78 -23.39 -7.00 9.99
N PHE A 79 -23.05 -7.97 9.15
CA PHE A 79 -22.05 -7.79 8.09
C PHE A 79 -22.61 -8.40 6.80
N PHE A 80 -23.05 -7.55 5.88
CA PHE A 80 -23.57 -7.98 4.59
C PHE A 80 -22.53 -7.69 3.51
N HIS A 81 -22.21 -8.69 2.71
CA HIS A 81 -21.11 -8.57 1.76
C HIS A 81 -21.48 -9.21 0.43
N ILE A 82 -20.80 -8.74 -0.62
CA ILE A 82 -20.96 -9.28 -1.97
C ILE A 82 -19.62 -9.13 -2.67
N SER A 83 -19.38 -9.99 -3.65
CA SER A 83 -18.11 -10.01 -4.39
C SER A 83 -18.33 -9.55 -5.82
N GLY A 84 -17.48 -8.64 -6.28
CA GLY A 84 -17.64 -8.07 -7.60
C GLY A 84 -17.19 -8.97 -8.74
N SER A 85 -16.48 -10.05 -8.43
CA SER A 85 -16.02 -10.98 -9.45
C SER A 85 -17.07 -12.02 -9.84
N ASP A 86 -18.20 -12.06 -9.13
CA ASP A 86 -19.28 -12.98 -9.45
C ASP A 86 -20.25 -12.43 -10.48
N PHE A 87 -20.13 -11.16 -10.84
CA PHE A 87 -21.03 -10.55 -11.81
C PHE A 87 -20.64 -10.89 -13.24
N VAL A 94 -30.40 -9.38 -13.71
CA VAL A 94 -30.13 -10.12 -12.48
C VAL A 94 -29.11 -9.38 -11.63
N GLY A 95 -28.21 -8.64 -12.27
CA GLY A 95 -27.23 -7.86 -11.52
C GLY A 95 -27.86 -6.75 -10.72
N ALA A 96 -28.80 -6.01 -11.33
CA ALA A 96 -29.45 -4.91 -10.63
C ALA A 96 -30.31 -5.42 -9.48
N ALA A 97 -30.94 -6.59 -9.65
CA ALA A 97 -31.78 -7.13 -8.59
C ALA A 97 -30.97 -7.53 -7.37
N ARG A 98 -29.75 -8.04 -7.57
CA ARG A 98 -28.90 -8.44 -6.45
C ARG A 98 -28.49 -7.24 -5.61
N VAL A 99 -28.19 -6.11 -6.26
CA VAL A 99 -27.81 -4.90 -5.53
C VAL A 99 -28.97 -4.39 -4.69
N ARG A 100 -30.19 -4.44 -5.25
CA ARG A 100 -31.36 -4.00 -4.50
C ARG A 100 -31.56 -4.82 -3.24
N ASP A 101 -31.40 -6.15 -3.33
CA ASP A 101 -31.64 -7.01 -2.18
C ASP A 101 -30.67 -6.71 -1.05
N LEU A 102 -29.41 -6.47 -1.39
CA LEU A 102 -28.38 -6.30 -0.37
C LEU A 102 -28.62 -5.07 0.49
N PHE A 103 -29.03 -3.96 -0.12
CA PHE A 103 -29.22 -2.72 0.62
C PHE A 103 -30.49 -2.75 1.46
N ALA A 104 -31.51 -3.50 1.02
CA ALA A 104 -32.73 -3.63 1.82
C ALA A 104 -32.48 -4.38 3.12
N GLN A 105 -31.61 -5.39 3.08
CA GLN A 105 -31.27 -6.11 4.31
C GLN A 105 -30.60 -5.21 5.33
N ALA A 106 -29.69 -4.34 4.87
CA ALA A 106 -28.98 -3.46 5.79
C ALA A 106 -29.90 -2.43 6.42
N LYS A 107 -30.86 -1.89 5.66
CA LYS A 107 -31.79 -0.92 6.23
C LYS A 107 -32.65 -1.52 7.33
N ALA A 108 -33.12 -2.76 7.13
CA ALA A 108 -34.00 -3.39 8.12
C ALA A 108 -33.28 -3.61 9.45
N HIS A 109 -31.96 -3.71 9.44
CA HIS A 109 -31.16 -3.81 10.65
C HIS A 109 -30.26 -2.57 10.70
N ALA A 110 -30.69 -1.56 11.45
CA ALA A 110 -30.25 -0.18 11.26
C ALA A 110 -28.73 -0.03 11.30
N PRO A 111 -28.06 -0.24 12.45
CA PRO A 111 -26.60 -0.14 12.46
C PRO A 111 -25.95 -1.40 11.91
N SER A 112 -25.38 -1.29 10.71
CA SER A 112 -24.81 -2.43 10.02
C SER A 112 -23.76 -1.93 9.03
N ILE A 113 -23.20 -2.87 8.27
CA ILE A 113 -22.14 -2.60 7.30
C ILE A 113 -22.50 -3.25 5.98
N VAL A 114 -22.23 -2.55 4.88
CA VAL A 114 -22.27 -3.10 3.53
C VAL A 114 -20.85 -3.10 2.98
N PHE A 115 -20.40 -4.25 2.50
CA PHE A 115 -19.05 -4.42 1.98
C PHE A 115 -19.10 -4.91 0.54
N ILE A 116 -18.32 -4.30 -0.34
CA ILE A 116 -18.23 -4.68 -1.74
C ILE A 116 -16.77 -4.95 -2.08
N ASP A 117 -16.50 -6.12 -2.65
CA ASP A 117 -15.16 -6.56 -2.95
C ASP A 117 -14.95 -6.61 -4.47
N GLU A 118 -13.75 -6.28 -4.91
CA GLU A 118 -13.43 -6.12 -6.34
C GLU A 118 -14.40 -5.15 -7.02
N ILE A 119 -14.50 -3.95 -6.46
CA ILE A 119 -15.46 -2.99 -7.00
C ILE A 119 -15.05 -2.53 -8.40
N ASP A 120 -13.78 -2.72 -8.78
CA ASP A 120 -13.36 -2.31 -10.12
C ASP A 120 -13.95 -3.21 -11.19
N ALA A 121 -14.25 -4.47 -10.85
CA ALA A 121 -14.87 -5.37 -11.81
C ALA A 121 -16.28 -4.92 -12.18
N VAL A 122 -17.05 -4.45 -11.20
CA VAL A 122 -18.42 -4.03 -11.45
C VAL A 122 -18.57 -2.54 -11.68
N GLY A 123 -17.56 -1.74 -11.34
CA GLY A 123 -17.65 -0.30 -11.49
C GLY A 123 -16.64 0.26 -12.47
N ARG A 137 -24.00 -4.47 -18.00
CA ARG A 137 -22.90 -3.95 -17.19
C ARG A 137 -23.16 -2.51 -16.79
N GLU A 138 -23.87 -1.78 -17.64
CA GLU A 138 -24.26 -0.41 -17.32
C GLU A 138 -25.48 -0.32 -16.43
N GLN A 139 -26.32 -1.36 -16.41
CA GLN A 139 -27.49 -1.36 -15.54
C GLN A 139 -27.08 -1.56 -14.08
N THR A 140 -26.08 -2.41 -13.84
CA THR A 140 -25.63 -2.65 -12.47
C THR A 140 -25.01 -1.40 -11.86
N LEU A 141 -24.22 -0.65 -12.65
CA LEU A 141 -23.61 0.57 -12.14
C LEU A 141 -24.68 1.62 -11.79
N ASN A 142 -25.70 1.75 -12.64
CA ASN A 142 -26.74 2.74 -12.39
C ASN A 142 -27.51 2.43 -11.11
N GLN A 143 -27.79 1.15 -10.86
CA GLN A 143 -28.50 0.77 -9.65
C GLN A 143 -27.70 1.11 -8.40
N LEU A 144 -26.39 0.92 -8.44
CA LEU A 144 -25.56 1.21 -7.27
C LEU A 144 -25.60 2.71 -6.92
N LEU A 145 -25.59 3.57 -7.94
CA LEU A 145 -25.65 5.00 -7.68
C LEU A 145 -26.99 5.41 -7.07
N VAL A 146 -28.07 4.74 -7.47
CA VAL A 146 -29.39 5.00 -6.90
C VAL A 146 -29.42 4.61 -5.42
N GLU A 147 -28.81 3.48 -5.07
CA GLU A 147 -28.83 3.02 -3.69
C GLU A 147 -28.01 3.92 -2.77
N MET A 148 -26.88 4.42 -3.24
CA MET A 148 -26.03 5.27 -2.39
C MET A 148 -26.76 6.56 -2.01
N ASP A 149 -27.56 7.10 -2.91
CA ASP A 149 -28.26 8.35 -2.65
C ASP A 149 -29.53 8.17 -1.81
N GLY A 150 -30.02 6.95 -1.66
CA GLY A 150 -31.32 6.70 -1.08
C GLY A 150 -31.37 6.21 0.35
N PHE A 151 -30.26 6.18 1.08
CA PHE A 151 -30.28 5.73 2.47
C PHE A 151 -29.78 6.83 3.38
N ASP A 152 -30.20 6.76 4.64
CA ASP A 152 -29.94 7.82 5.61
C ASP A 152 -28.75 7.44 6.49
N SER A 153 -27.71 8.28 6.47
CA SER A 153 -26.48 7.97 7.19
C SER A 153 -26.65 8.07 8.70
N LYS A 154 -27.56 8.91 9.18
CA LYS A 154 -27.75 9.10 10.61
C LYS A 154 -28.26 7.86 11.32
N GLU A 155 -28.76 6.87 10.58
CA GLU A 155 -29.21 5.63 11.19
C GLU A 155 -28.06 4.78 11.70
N GLY A 156 -26.86 4.97 11.17
CA GLY A 156 -25.73 4.13 11.52
C GLY A 156 -25.40 3.10 10.46
N ILE A 157 -25.41 3.52 9.20
CA ILE A 157 -25.11 2.65 8.07
C ILE A 157 -23.89 3.21 7.34
N ILE A 158 -22.99 2.33 6.91
CA ILE A 158 -21.80 2.75 6.18
C ILE A 158 -21.43 1.67 5.17
N VAL A 159 -20.84 2.10 4.06
CA VAL A 159 -20.47 1.24 2.94
C VAL A 159 -18.96 1.24 2.77
N MET A 160 -18.40 0.06 2.51
CA MET A 160 -16.96 -0.10 2.33
C MET A 160 -16.68 -0.88 1.06
N ALA A 161 -15.51 -0.63 0.46
CA ALA A 161 -15.11 -1.31 -0.77
C ALA A 161 -13.60 -1.43 -0.80
N ALA A 162 -13.11 -2.35 -1.65
CA ALA A 162 -11.68 -2.61 -1.77
C ALA A 162 -11.32 -2.83 -3.24
N THR A 163 -10.06 -2.56 -3.57
CA THR A 163 -9.55 -2.72 -4.93
C THR A 163 -8.03 -2.60 -4.91
N ASN A 164 -7.39 -3.13 -5.96
CA ASN A 164 -5.98 -2.87 -6.20
C ASN A 164 -5.73 -2.21 -7.56
N ARG A 165 -6.78 -1.75 -8.22
CA ARG A 165 -6.67 -1.00 -9.48
C ARG A 165 -7.52 0.26 -9.39
N PRO A 166 -7.16 1.19 -8.51
CA PRO A 166 -8.01 2.36 -8.28
C PRO A 166 -8.10 3.33 -9.45
N ASP A 167 -7.18 3.27 -10.40
CA ASP A 167 -7.11 4.29 -11.44
C ASP A 167 -8.02 4.03 -12.63
N ILE A 168 -8.76 2.92 -12.63
CA ILE A 168 -9.69 2.62 -13.71
C ILE A 168 -11.14 2.75 -13.25
N LEU A 169 -11.38 3.30 -12.07
CA LEU A 169 -12.73 3.45 -11.56
C LEU A 169 -13.46 4.58 -12.27
N ASP A 170 -14.77 4.45 -12.36
CA ASP A 170 -15.59 5.48 -12.99
C ASP A 170 -15.59 6.75 -12.13
N PRO A 171 -15.37 7.92 -12.73
CA PRO A 171 -15.32 9.15 -11.93
C PRO A 171 -16.62 9.48 -11.22
N ALA A 172 -17.75 8.90 -11.65
CA ALA A 172 -19.02 9.18 -10.99
C ALA A 172 -19.08 8.61 -9.58
N LEU A 173 -18.31 7.56 -9.29
CA LEU A 173 -18.33 6.96 -7.97
C LEU A 173 -17.64 7.84 -6.93
N LEU A 174 -16.71 8.69 -7.35
CA LEU A 174 -15.87 9.45 -6.44
C LEU A 174 -16.38 10.85 -6.17
N ARG A 175 -17.55 11.22 -6.67
CA ARG A 175 -18.09 12.55 -6.44
C ARG A 175 -18.52 12.71 -4.99
N PRO A 176 -18.62 13.96 -4.52
CA PRO A 176 -19.02 14.18 -3.12
C PRO A 176 -20.38 13.55 -2.83
N GLY A 177 -20.47 12.93 -1.66
CA GLY A 177 -21.65 12.18 -1.28
C GLY A 177 -21.65 10.71 -1.63
N ARG A 178 -20.61 10.21 -2.32
CA ARG A 178 -20.57 8.80 -2.70
C ARG A 178 -19.39 8.06 -2.10
N PHE A 179 -18.16 8.40 -2.49
CA PHE A 179 -16.95 7.73 -1.98
C PHE A 179 -15.88 8.82 -1.87
N ASP A 180 -15.78 9.43 -0.69
CA ASP A 180 -14.89 10.57 -0.51
C ASP A 180 -13.84 10.36 0.56
N LYS A 181 -13.59 9.14 0.98
CA LYS A 181 -12.49 8.84 1.90
C LYS A 181 -11.70 7.65 1.38
N LYS A 182 -10.38 7.76 1.43
CA LYS A 182 -9.48 6.72 0.96
C LYS A 182 -8.45 6.40 2.03
N ILE A 183 -8.15 5.11 2.19
CA ILE A 183 -7.18 4.62 3.16
C ILE A 183 -6.23 3.66 2.44
N VAL A 184 -4.94 3.86 2.65
CA VAL A 184 -3.89 3.10 1.95
C VAL A 184 -3.38 2.00 2.87
N VAL A 185 -3.23 0.80 2.33
CA VAL A 185 -2.75 -0.37 3.06
C VAL A 185 -1.43 -0.81 2.43
N ASP A 186 -0.38 -0.92 3.24
CA ASP A 186 1.00 -1.05 2.79
C ASP A 186 1.59 -2.43 3.08
N PRO A 187 2.63 -2.82 2.34
CA PRO A 187 3.36 -4.04 2.68
C PRO A 187 4.12 -3.89 3.99
N PRO A 188 4.36 -4.98 4.70
CA PRO A 188 4.99 -4.90 6.01
C PRO A 188 6.50 -4.78 5.96
N ASP A 189 7.06 -4.18 7.02
CA ASP A 189 8.49 -4.09 7.25
C ASP A 189 8.93 -5.20 8.18
N MET A 190 10.19 -5.14 8.63
CA MET A 190 10.77 -6.25 9.39
C MET A 190 10.00 -6.49 10.69
N LEU A 191 9.67 -5.43 11.41
CA LEU A 191 8.92 -5.60 12.65
C LEU A 191 7.47 -5.99 12.39
N GLY A 192 6.91 -5.55 11.26
CA GLY A 192 5.57 -5.99 10.89
C GLY A 192 5.51 -7.47 10.55
N ARG A 193 6.54 -7.96 9.86
CA ARG A 193 6.58 -9.38 9.51
C ARG A 193 6.70 -10.26 10.74
N LYS A 194 7.45 -9.83 11.76
CA LYS A 194 7.61 -10.63 12.95
C LYS A 194 6.30 -10.78 13.72
N LYS A 195 5.49 -9.72 13.71
CA LYS A 195 4.20 -9.78 14.41
C LYS A 195 3.26 -10.79 13.76
N ILE A 196 3.23 -10.83 12.43
CA ILE A 196 2.33 -11.73 11.73
C ILE A 196 2.71 -13.18 11.98
N LEU A 197 4.00 -13.48 12.06
CA LEU A 197 4.44 -14.83 12.37
C LEU A 197 3.98 -15.27 13.75
N GLU A 198 3.97 -14.34 14.72
CA GLU A 198 3.51 -14.68 16.07
C GLU A 198 2.01 -14.95 16.10
N ILE A 199 1.22 -14.22 15.30
CA ILE A 199 -0.22 -14.42 15.30
C ILE A 199 -0.57 -15.82 14.84
N HIS A 200 0.15 -16.34 13.86
CA HIS A 200 -0.20 -17.61 13.23
C HIS A 200 0.51 -18.81 13.82
N THR A 201 1.30 -18.64 14.88
CA THR A 201 1.89 -19.77 15.59
C THR A 201 1.43 -19.87 17.03
N ARG A 202 0.43 -19.09 17.44
CA ARG A 202 0.02 -19.10 18.84
C ARG A 202 -0.82 -20.32 19.21
N ASN A 203 -1.23 -21.13 18.23
CA ASN A 203 -1.92 -22.38 18.50
C ASN A 203 -1.10 -23.59 18.06
N LYS A 204 0.20 -23.42 17.86
CA LYS A 204 1.06 -24.48 17.39
C LYS A 204 2.22 -24.68 18.37
N PRO A 205 2.64 -25.93 18.60
CA PRO A 205 3.77 -26.19 19.51
C PRO A 205 5.09 -25.96 18.80
N LEU A 206 5.96 -25.14 19.39
CA LEU A 206 7.26 -24.81 18.83
C LEU A 206 8.36 -25.35 19.74
N ALA A 207 9.49 -25.68 19.13
CA ALA A 207 10.67 -26.08 19.88
C ALA A 207 11.35 -24.86 20.49
N GLU A 208 12.33 -25.12 21.35
CA GLU A 208 13.02 -24.05 22.06
C GLU A 208 14.07 -23.33 21.23
N ASP A 209 14.44 -23.86 20.06
CA ASP A 209 15.45 -23.24 19.23
C ASP A 209 14.87 -22.34 18.15
N VAL A 210 13.55 -22.19 18.09
CA VAL A 210 12.93 -21.36 17.07
C VAL A 210 13.11 -19.89 17.43
N ASN A 211 13.60 -19.11 16.47
CA ASN A 211 13.81 -17.67 16.63
C ASN A 211 13.07 -16.96 15.51
N LEU A 212 11.85 -16.48 15.80
CA LEU A 212 11.04 -15.85 14.77
C LEU A 212 11.63 -14.54 14.30
N GLU A 213 12.55 -13.94 15.06
CA GLU A 213 13.19 -12.70 14.64
C GLU A 213 14.19 -12.93 13.51
N ILE A 214 14.89 -14.07 13.53
CA ILE A 214 15.81 -14.40 12.45
C ILE A 214 15.04 -14.76 11.18
N ILE A 215 13.89 -15.43 11.33
CA ILE A 215 13.07 -15.76 10.17
C ILE A 215 12.55 -14.49 9.50
N ALA A 216 12.20 -13.47 10.28
CA ALA A 216 11.70 -12.22 9.71
C ALA A 216 12.75 -11.51 8.88
N LYS A 217 14.01 -11.54 9.32
CA LYS A 217 15.09 -10.88 8.59
C LYS A 217 15.41 -11.54 7.26
N ARG A 218 14.93 -12.75 7.02
CA ARG A 218 15.25 -13.50 5.81
C ARG A 218 14.13 -13.51 4.78
N THR A 219 13.07 -12.73 4.99
CA THR A 219 11.93 -12.77 4.08
C THR A 219 11.48 -11.39 3.62
N PRO A 220 12.40 -10.50 3.21
CA PRO A 220 11.96 -9.19 2.72
C PRO A 220 11.23 -9.31 1.39
N GLY A 221 10.11 -8.61 1.28
CA GLY A 221 9.25 -8.69 0.12
C GLY A 221 8.03 -9.57 0.29
N PHE A 222 7.95 -10.35 1.37
CA PHE A 222 6.78 -11.16 1.65
C PHE A 222 5.63 -10.29 2.16
N VAL A 223 4.40 -10.73 1.89
CA VAL A 223 3.21 -10.09 2.44
C VAL A 223 2.55 -11.07 3.40
N GLY A 224 1.48 -10.63 4.07
CA GLY A 224 0.85 -11.45 5.09
C GLY A 224 0.34 -12.78 4.57
N ALA A 225 -0.15 -12.81 3.34
CA ALA A 225 -0.61 -14.08 2.76
C ALA A 225 0.55 -15.05 2.55
N ASP A 226 1.71 -14.53 2.12
CA ASP A 226 2.89 -15.39 1.95
C ASP A 226 3.37 -15.96 3.28
N LEU A 227 3.35 -15.13 4.33
CA LEU A 227 3.83 -15.58 5.64
C LEU A 227 2.91 -16.61 6.27
N GLU A 228 1.61 -16.52 6.00
CA GLU A 228 0.67 -17.50 6.53
C GLU A 228 0.83 -18.85 5.84
N ASN A 229 1.17 -18.86 4.55
CA ASN A 229 1.41 -20.10 3.84
C ASN A 229 2.74 -20.75 4.23
N LEU A 230 3.71 -19.94 4.66
CA LEU A 230 5.01 -20.48 5.07
C LEU A 230 4.89 -21.29 6.36
N VAL A 231 4.02 -20.89 7.27
CA VAL A 231 3.86 -21.61 8.52
C VAL A 231 3.25 -22.99 8.27
N ASN A 232 2.33 -23.11 7.30
CA ASN A 232 1.73 -24.40 7.00
C ASN A 232 2.74 -25.37 6.42
N GLU A 233 3.67 -24.89 5.58
CA GLU A 233 4.67 -25.77 5.00
C GLU A 233 5.61 -26.34 6.06
N ALA A 234 5.99 -25.53 7.04
CA ALA A 234 6.87 -26.00 8.09
C ALA A 234 6.20 -27.05 8.95
N ALA A 235 4.88 -26.96 9.13
CA ALA A 235 4.16 -27.98 9.89
C ALA A 235 4.05 -29.29 9.13
N LEU A 236 3.95 -29.24 7.80
CA LEU A 236 3.90 -30.47 7.01
C LEU A 236 5.23 -31.22 7.06
N LEU A 237 6.35 -30.50 7.11
CA LEU A 237 7.65 -31.15 7.22
C LEU A 237 7.79 -31.89 8.54
N ALA A 238 7.30 -31.30 9.64
CA ALA A 238 7.38 -31.97 10.93
C ALA A 238 6.42 -33.16 11.01
N ALA A 239 5.20 -33.01 10.51
CA ALA A 239 4.22 -34.09 10.59
C ALA A 239 4.64 -35.29 9.75
N ARG A 240 5.31 -35.06 8.62
CA ARG A 240 5.71 -36.16 7.75
C ARG A 240 6.74 -37.06 8.42
N GLU A 241 7.42 -36.58 9.46
CA GLU A 241 8.38 -37.39 10.21
C GLU A 241 7.84 -37.88 11.54
N GLY A 242 6.56 -37.63 11.84
CA GLY A 242 5.96 -38.11 13.07
C GLY A 242 6.25 -37.29 14.30
N ARG A 243 6.93 -36.16 14.18
CA ARG A 243 7.27 -35.35 15.34
C ARG A 243 6.08 -34.51 15.80
N ASP A 244 6.17 -34.06 17.06
CA ASP A 244 5.12 -33.27 17.69
C ASP A 244 5.55 -31.84 18.01
N LYS A 245 6.65 -31.37 17.42
CA LYS A 245 7.08 -30.00 17.58
C LYS A 245 7.74 -29.54 16.29
N ILE A 246 7.70 -28.23 16.05
CA ILE A 246 8.29 -27.63 14.87
C ILE A 246 9.63 -27.01 15.27
N THR A 247 10.69 -27.40 14.58
CA THR A 247 12.04 -26.97 14.90
C THR A 247 12.51 -25.87 13.97
N MET A 248 13.67 -25.29 14.30
CA MET A 248 14.22 -24.22 13.48
C MET A 248 14.62 -24.70 12.09
N LYS A 249 15.01 -25.97 11.98
CA LYS A 249 15.39 -26.51 10.68
C LYS A 249 14.19 -26.68 9.76
N ASP A 250 13.00 -26.92 10.33
CA ASP A 250 11.79 -26.99 9.52
C ASP A 250 11.49 -25.66 8.86
N PHE A 251 11.67 -24.55 9.59
CA PHE A 251 11.38 -23.24 9.03
C PHE A 251 12.34 -22.87 7.91
N GLU A 252 13.62 -23.20 8.06
CA GLU A 252 14.60 -22.86 7.04
C GLU A 252 14.40 -23.65 5.76
N GLU A 253 14.00 -24.92 5.86
CA GLU A 253 13.74 -25.71 4.67
C GLU A 253 12.45 -25.29 3.97
N ALA A 254 11.49 -24.75 4.70
CA ALA A 254 10.24 -24.33 4.09
C ALA A 254 10.41 -23.10 3.21
N ILE A 255 11.40 -22.27 3.50
CA ILE A 255 11.63 -21.07 2.69
C ILE A 255 12.02 -21.45 1.27
N ASP A 256 12.88 -22.46 1.11
CA ASP A 256 13.33 -22.86 -0.21
C ASP A 256 12.24 -23.55 -1.02
N ARG A 257 11.27 -24.17 -0.35
CA ARG A 257 10.23 -24.89 -1.07
C ARG A 257 9.18 -23.97 -1.68
N VAL A 258 8.97 -22.78 -1.12
CA VAL A 258 7.90 -21.92 -1.60
C VAL A 258 8.35 -20.91 -2.65
N ILE A 259 9.64 -20.77 -2.90
CA ILE A 259 10.16 -19.78 -3.84
C ILE A 259 10.71 -20.39 -5.11
N ALA A 260 10.65 -21.71 -5.27
CA ALA A 260 11.21 -22.35 -6.45
C ALA A 260 10.46 -23.64 -6.74
N GLY A 261 10.54 -24.09 -7.98
CA GLY A 261 9.97 -25.35 -8.38
C GLY A 261 8.71 -25.22 -9.23
N PRO A 262 8.14 -26.35 -9.63
CA PRO A 262 6.88 -26.31 -10.39
C PRO A 262 5.72 -25.73 -9.60
N ALA A 263 5.79 -25.72 -8.27
CA ALA A 263 4.73 -25.18 -7.42
C ALA A 263 5.34 -24.11 -6.51
N ARG A 264 5.52 -22.91 -7.03
CA ARG A 264 6.07 -21.79 -6.29
C ARG A 264 4.99 -20.74 -6.12
N LYS A 265 5.06 -20.00 -5.01
CA LYS A 265 4.03 -19.04 -4.67
C LYS A 265 4.53 -17.64 -4.35
N SER A 266 5.80 -17.45 -4.03
CA SER A 266 6.28 -16.21 -3.46
C SER A 266 7.57 -15.75 -4.12
N LEU A 267 7.85 -14.45 -3.96
CA LEU A 267 9.09 -13.83 -4.42
C LEU A 267 9.73 -13.06 -3.27
N LEU A 268 11.05 -13.12 -3.17
CA LEU A 268 11.78 -12.35 -2.18
C LEU A 268 12.95 -11.62 -2.84
N ILE A 269 13.46 -10.62 -2.14
CA ILE A 269 14.56 -9.80 -2.64
C ILE A 269 15.88 -10.46 -2.28
N SER A 270 16.70 -10.78 -3.28
CA SER A 270 17.99 -11.40 -3.05
C SER A 270 19.04 -10.36 -2.67
N PRO A 271 20.15 -10.80 -2.08
CA PRO A 271 21.19 -9.85 -1.67
C PRO A 271 21.74 -9.00 -2.81
N ALA A 272 21.80 -9.53 -4.03
CA ALA A 272 22.27 -8.72 -5.15
C ALA A 272 21.27 -7.64 -5.53
N GLU A 273 19.98 -7.98 -5.56
CA GLU A 273 18.96 -6.98 -5.86
C GLU A 273 18.86 -5.94 -4.75
N LYS A 274 19.19 -6.32 -3.51
CA LYS A 274 19.10 -5.39 -2.40
C LYS A 274 20.06 -4.22 -2.58
N ARG A 275 21.27 -4.48 -3.07
CA ARG A 275 22.27 -3.44 -3.19
C ARG A 275 21.87 -2.38 -4.21
N ILE A 276 21.25 -2.79 -5.33
CA ILE A 276 20.84 -1.83 -6.35
C ILE A 276 19.68 -0.97 -5.85
N ILE A 277 18.76 -1.56 -5.09
CA ILE A 277 17.62 -0.80 -4.58
C ILE A 277 18.08 0.24 -3.56
N ALA A 278 19.06 -0.11 -2.72
CA ALA A 278 19.53 0.82 -1.70
C ALA A 278 20.16 2.06 -2.33
N TYR A 279 20.91 1.88 -3.41
CA TYR A 279 21.53 3.03 -4.08
C TYR A 279 20.48 3.93 -4.74
N HIS A 280 19.39 3.34 -5.23
CA HIS A 280 18.32 4.13 -5.83
C HIS A 280 17.63 5.01 -4.81
N GLU A 281 17.31 4.47 -3.63
CA GLU A 281 16.63 5.23 -2.60
C GLU A 281 17.52 6.32 -2.01
N ALA A 282 18.79 6.00 -1.75
CA ALA A 282 19.72 6.99 -1.23
C ALA A 282 20.02 8.11 -2.22
N GLY A 283 19.87 7.84 -3.52
CA GLY A 283 20.09 8.89 -4.51
C GLY A 283 19.05 9.98 -4.44
N HIS A 284 17.80 9.63 -4.15
CA HIS A 284 16.75 10.62 -3.97
C HIS A 284 17.04 11.50 -2.75
N ALA A 285 17.49 10.89 -1.65
CA ALA A 285 17.66 11.62 -0.41
C ALA A 285 18.80 12.63 -0.47
N VAL A 286 19.91 12.27 -1.11
CA VAL A 286 21.06 13.17 -1.18
C VAL A 286 20.76 14.40 -2.03
N VAL A 287 20.11 14.20 -3.18
CA VAL A 287 19.85 15.32 -4.08
C VAL A 287 18.86 16.30 -3.45
N SER A 288 17.89 15.79 -2.69
CA SER A 288 16.92 16.67 -2.04
C SER A 288 17.58 17.52 -0.96
N THR A 289 18.57 16.97 -0.26
CA THR A 289 19.24 17.69 0.80
C THR A 289 20.15 18.81 0.30
N VAL A 290 20.53 18.78 -0.98
CA VAL A 290 21.52 19.72 -1.50
C VAL A 290 20.86 20.88 -2.24
N VAL A 291 19.79 20.64 -2.98
CA VAL A 291 19.13 21.74 -3.69
C VAL A 291 18.43 22.65 -2.68
N PRO A 292 18.45 23.97 -2.86
CA PRO A 292 17.86 24.87 -1.86
C PRO A 292 16.36 24.73 -1.67
N ASN A 293 15.61 24.43 -2.72
CA ASN A 293 14.15 24.33 -2.61
C ASN A 293 13.67 22.91 -2.39
N GLY A 294 14.56 21.95 -2.18
CA GLY A 294 14.14 20.59 -1.96
C GLY A 294 13.45 20.43 -0.62
N GLU A 295 12.68 19.35 -0.50
CA GLU A 295 11.91 19.08 0.71
C GLU A 295 12.73 18.29 1.72
N PRO A 296 12.43 18.44 3.00
CA PRO A 296 13.15 17.68 4.03
C PRO A 296 12.81 16.19 3.96
N VAL A 297 13.76 15.38 4.39
CA VAL A 297 13.65 13.92 4.34
C VAL A 297 13.42 13.40 5.75
N HIS A 298 12.39 12.57 5.92
CA HIS A 298 12.08 12.01 7.22
C HIS A 298 12.29 10.51 7.34
N ARG A 299 12.39 9.79 6.23
CA ARG A 299 12.51 8.34 6.30
C ARG A 299 13.06 7.78 4.99
N ILE A 300 13.89 6.75 5.10
CA ILE A 300 14.42 6.01 3.96
C ILE A 300 14.26 4.52 4.26
N SER A 301 13.80 3.75 3.27
CA SER A 301 13.55 2.34 3.49
C SER A 301 13.68 1.55 2.20
N ILE A 302 13.83 0.23 2.35
CA ILE A 302 13.87 -0.68 1.23
C ILE A 302 12.47 -1.09 0.76
N ILE A 303 11.47 -1.00 1.62
CA ILE A 303 10.08 -1.34 1.30
C ILE A 303 9.30 -0.07 0.98
N PRO A 304 8.49 -0.06 -0.06
CA PRO A 304 7.66 1.13 -0.36
C PRO A 304 6.60 1.39 0.70
N ARG A 305 6.25 2.67 0.87
CA ARG A 305 5.41 3.05 2.00
C ARG A 305 4.20 3.92 1.63
N GLY A 306 4.33 4.83 0.68
CA GLY A 306 3.26 5.75 0.37
C GLY A 306 2.44 5.35 -0.85
N TYR A 307 1.43 6.17 -1.15
CA TYR A 307 0.61 5.92 -2.33
C TYR A 307 1.33 6.33 -3.62
N LYS A 308 2.23 7.30 -3.55
CA LYS A 308 3.06 7.62 -4.71
C LYS A 308 4.07 6.52 -4.99
N ALA A 309 4.69 5.99 -3.93
CA ALA A 309 5.65 4.90 -4.09
C ALA A 309 5.01 3.62 -4.59
N LEU A 310 3.71 3.45 -4.40
CA LEU A 310 3.01 2.27 -4.87
C LEU A 310 2.46 2.42 -6.29
N GLY A 311 2.62 3.59 -6.91
CA GLY A 311 2.23 3.78 -8.29
C GLY A 311 0.80 4.22 -8.52
N TYR A 312 0.19 4.93 -7.57
CA TYR A 312 -1.19 5.40 -7.70
C TYR A 312 -1.21 6.92 -7.87
N THR A 313 -2.14 7.41 -8.68
CA THR A 313 -2.42 8.84 -8.74
C THR A 313 -3.64 9.24 -7.93
N LEU A 314 -4.60 8.33 -7.76
CA LEU A 314 -5.77 8.52 -6.91
C LEU A 314 -6.70 9.62 -7.39
N HIS A 315 -6.67 9.95 -8.68
CA HIS A 315 -7.56 10.95 -9.26
C HIS A 315 -7.38 12.31 -8.58
N LEU A 316 -6.14 12.64 -8.22
CA LEU A 316 -5.85 13.90 -7.55
C LEU A 316 -5.29 14.92 -8.53
N ASP A 320 0.61 20.82 -6.82
CA ASP A 320 -0.15 20.97 -5.58
C ASP A 320 0.38 22.09 -4.72
N LYS A 321 0.71 23.22 -5.35
CA LYS A 321 1.16 24.41 -4.65
C LYS A 321 0.30 25.60 -5.09
N TYR A 322 0.13 26.55 -4.18
CA TYR A 322 -0.62 27.75 -4.51
C TYR A 322 0.08 28.57 -5.59
N LEU A 323 1.40 28.68 -5.50
CA LEU A 323 2.18 29.54 -6.38
C LEU A 323 3.04 28.71 -7.32
N VAL A 324 3.15 29.16 -8.57
CA VAL A 324 3.93 28.49 -9.61
C VAL A 324 5.17 29.33 -9.89
N SER A 325 6.34 28.76 -9.62
CA SER A 325 7.60 29.47 -9.72
C SER A 325 8.62 28.63 -10.49
N ARG A 326 9.53 29.32 -11.19
CA ARG A 326 10.50 28.62 -12.02
C ARG A 326 11.59 27.93 -11.20
N ASN A 327 12.08 28.60 -10.15
CA ASN A 327 13.18 28.05 -9.39
C ASN A 327 12.78 26.79 -8.63
N GLU A 328 11.59 26.77 -8.02
CA GLU A 328 11.15 25.60 -7.28
C GLU A 328 10.70 24.47 -8.19
N LEU A 329 10.26 24.76 -9.41
CA LEU A 329 9.91 23.70 -10.34
C LEU A 329 11.14 22.99 -10.88
N LEU A 330 12.24 23.73 -11.09
CA LEU A 330 13.48 23.11 -11.56
C LEU A 330 14.13 22.27 -10.47
N ASP A 331 14.05 22.71 -9.22
CA ASP A 331 14.59 21.93 -8.11
C ASP A 331 13.81 20.63 -7.91
N LYS A 332 12.51 20.66 -8.18
CA LYS A 332 11.69 19.46 -8.06
C LYS A 332 12.04 18.44 -9.15
N LEU A 333 12.31 18.91 -10.37
CA LEU A 333 12.70 18.03 -11.45
C LEU A 333 14.04 17.36 -11.17
N THR A 334 15.00 18.11 -10.64
CA THR A 334 16.34 17.56 -10.41
C THR A 334 16.31 16.46 -9.35
N ALA A 335 15.53 16.66 -8.29
CA ALA A 335 15.44 15.65 -7.23
C ALA A 335 14.71 14.41 -7.69
N LEU A 336 13.76 14.55 -8.63
CA LEU A 336 13.02 13.42 -9.14
C LEU A 336 13.87 12.51 -10.03
N LEU A 337 14.99 13.01 -10.55
CA LEU A 337 15.90 12.21 -11.35
C LEU A 337 17.12 11.73 -10.56
N GLY A 338 17.09 11.90 -9.23
CA GLY A 338 18.23 11.50 -8.41
C GLY A 338 18.44 10.00 -8.36
N GLY A 339 17.36 9.22 -8.33
CA GLY A 339 17.50 7.77 -8.31
C GLY A 339 18.07 7.22 -9.60
N ARG A 340 17.64 7.75 -10.74
CA ARG A 340 18.14 7.31 -12.03
C ARG A 340 19.60 7.69 -12.23
N ALA A 341 20.04 8.80 -11.64
CA ALA A 341 21.43 9.24 -11.81
C ALA A 341 22.40 8.36 -11.02
N ALA A 342 22.02 7.92 -9.83
CA ALA A 342 22.90 7.06 -9.05
C ALA A 342 23.09 5.70 -9.70
N GLU A 343 22.07 5.20 -10.40
CA GLU A 343 22.21 3.92 -11.08
C GLU A 343 23.23 3.98 -12.21
N GLU A 344 23.19 5.06 -12.96
CA GLU A 344 24.07 5.24 -14.13
C GLU A 344 25.53 5.51 -13.72
N VAL A 345 25.79 6.25 -12.64
CA VAL A 345 27.14 6.58 -12.22
C VAL A 345 27.82 5.41 -11.52
N VAL A 346 27.07 4.58 -10.80
CA VAL A 346 27.64 3.52 -9.98
C VAL A 346 27.64 2.18 -10.71
N PHE A 347 26.58 1.86 -11.45
CA PHE A 347 26.45 0.56 -12.10
C PHE A 347 26.37 0.62 -13.61
N GLY A 348 25.99 1.73 -14.20
CA GLY A 348 25.71 1.78 -15.63
C GLY A 348 24.48 0.98 -16.06
N ASP A 349 23.41 1.02 -15.26
CA ASP A 349 22.20 0.24 -15.52
C ASP A 349 20.97 1.15 -15.42
N VAL A 350 19.80 0.54 -15.57
CA VAL A 350 18.52 1.25 -15.49
C VAL A 350 17.43 0.24 -15.15
N THR A 351 16.59 0.59 -14.18
CA THR A 351 15.49 -0.26 -13.73
C THR A 351 14.15 0.30 -14.23
N SER A 352 13.08 -0.43 -13.92
CA SER A 352 11.75 0.01 -14.33
C SER A 352 11.25 1.17 -13.49
N GLY A 353 11.68 1.26 -12.23
CA GLY A 353 11.33 2.42 -11.43
C GLY A 353 11.94 3.71 -11.96
N ALA A 354 13.17 3.63 -12.46
CA ALA A 354 13.82 4.80 -13.05
C ALA A 354 13.16 5.20 -14.36
N ALA A 355 12.58 4.25 -15.10
CA ALA A 355 11.87 4.59 -16.32
C ALA A 355 10.54 5.28 -16.04
N ASN A 356 9.87 4.92 -14.93
CA ASN A 356 8.67 5.65 -14.52
C ASN A 356 9.00 7.08 -14.14
N ASP A 357 10.13 7.29 -13.48
CA ASP A 357 10.51 8.64 -13.06
C ASP A 357 10.73 9.56 -14.26
N ILE A 358 11.36 9.04 -15.32
CA ILE A 358 11.62 9.86 -16.50
C ILE A 358 10.33 10.25 -17.19
N GLU A 359 9.30 9.40 -17.12
CA GLU A 359 8.02 9.71 -17.74
C GLU A 359 7.27 10.80 -17.00
N ARG A 360 7.33 10.78 -15.66
CA ARG A 360 6.70 11.86 -14.88
C ARG A 360 7.38 13.20 -15.11
N ALA A 361 8.71 13.20 -15.22
CA ALA A 361 9.43 14.45 -15.41
C ALA A 361 9.03 15.13 -16.71
N THR A 362 8.82 14.35 -17.77
CA THR A 362 8.44 14.92 -19.06
C THR A 362 7.06 15.57 -18.99
N GLU A 363 6.14 15.02 -18.20
CA GLU A 363 4.84 15.62 -18.04
C GLU A 363 4.92 16.95 -17.30
N ILE A 364 5.75 17.04 -16.28
CA ILE A 364 5.90 18.29 -15.54
C ILE A 364 6.52 19.37 -16.42
N ALA A 365 7.54 19.01 -17.20
CA ALA A 365 8.20 20.00 -18.05
C ALA A 365 7.24 20.53 -19.12
N ARG A 366 6.37 19.68 -19.64
CA ARG A 366 5.43 20.11 -20.68
C ARG A 366 4.48 21.17 -20.15
N ASN A 367 4.03 21.01 -18.90
CA ASN A 367 3.16 22.02 -18.29
C ASN A 367 3.92 23.30 -17.97
N MET A 368 5.22 23.20 -17.74
CA MET A 368 6.03 24.39 -17.46
C MET A 368 6.13 25.29 -18.68
N VAL A 369 6.24 24.71 -19.87
CA VAL A 369 6.43 25.51 -21.08
C VAL A 369 5.18 26.34 -21.37
N SER A 370 4.00 25.79 -21.07
CA SER A 370 2.75 26.47 -21.39
C SER A 370 2.31 27.46 -20.32
N GLN A 371 2.97 27.51 -19.18
CA GLN A 371 2.59 28.42 -18.10
C GLN A 371 3.61 29.50 -17.80
N LEU A 372 4.90 29.24 -17.99
CA LEU A 372 5.94 30.20 -17.70
C LEU A 372 6.51 30.85 -18.95
N GLY A 373 5.87 30.67 -20.10
CA GLY A 373 6.35 31.23 -21.34
C GLY A 373 7.14 30.25 -22.18
N ILE A 410 8.01 23.40 -29.49
CA ILE A 410 7.52 23.08 -28.15
C ILE A 410 8.14 21.78 -27.67
N ASP A 411 8.12 20.76 -28.52
CA ASP A 411 8.76 19.49 -28.18
C ASP A 411 10.26 19.66 -28.03
N GLU A 412 10.88 20.47 -28.89
CA GLU A 412 12.30 20.75 -28.76
C GLU A 412 12.60 21.47 -27.46
N GLU A 413 11.70 22.35 -27.02
CA GLU A 413 11.89 23.06 -25.76
C GLU A 413 11.74 22.12 -24.56
N VAL A 414 10.79 21.19 -24.62
CA VAL A 414 10.59 20.26 -23.51
C VAL A 414 11.78 19.33 -23.36
N LYS A 415 12.39 18.94 -24.49
CA LYS A 415 13.47 17.97 -24.45
C LYS A 415 14.72 18.54 -23.77
N LYS A 416 15.01 19.83 -23.97
CA LYS A 416 16.21 20.41 -23.39
C LYS A 416 16.06 20.68 -21.90
N ILE A 417 14.84 20.92 -21.42
CA ILE A 417 14.64 21.13 -19.99
C ILE A 417 14.98 19.86 -19.22
N VAL A 418 14.54 18.71 -19.73
CA VAL A 418 14.78 17.45 -19.04
C VAL A 418 16.26 17.07 -19.10
N THR A 419 16.91 17.31 -20.25
CA THR A 419 18.32 16.96 -20.39
C THR A 419 19.20 17.78 -19.44
N ASN A 420 18.90 19.07 -19.28
CA ASN A 420 19.70 19.91 -18.39
C ASN A 420 19.56 19.47 -16.93
N SER A 421 18.34 19.09 -16.52
CA SER A 421 18.13 18.65 -15.15
C SER A 421 18.86 17.36 -14.85
N TYR A 422 18.92 16.44 -15.83
CA TYR A 422 19.61 15.17 -15.63
C TYR A 422 21.11 15.36 -15.46
N GLU A 423 21.71 16.27 -16.24
CA GLU A 423 23.13 16.54 -16.09
C GLU A 423 23.45 17.14 -14.73
N ARG A 424 22.56 18.02 -14.23
CA ARG A 424 22.78 18.64 -12.93
C ARG A 424 22.79 17.61 -11.80
N ALA A 425 21.89 16.63 -11.85
CA ALA A 425 21.84 15.60 -10.81
C ALA A 425 23.09 14.73 -10.82
N LYS A 426 23.62 14.40 -12.01
CA LYS A 426 24.80 13.54 -12.08
C LYS A 426 26.02 14.17 -11.45
N GLU A 427 26.19 15.49 -11.57
CA GLU A 427 27.31 16.16 -10.94
C GLU A 427 27.21 16.13 -9.42
N ILE A 428 26.00 16.27 -8.88
CA ILE A 428 25.83 16.20 -7.43
C ILE A 428 26.20 14.82 -6.91
N ILE A 429 25.84 13.76 -7.65
CA ILE A 429 26.15 12.40 -7.22
C ILE A 429 27.66 12.18 -7.18
N ARG A 430 28.39 12.69 -8.17
CA ARG A 430 29.83 12.52 -8.19
C ARG A 430 30.50 13.26 -7.04
N LYS A 431 30.03 14.47 -6.73
CA LYS A 431 30.67 15.27 -5.70
C LYS A 431 30.42 14.79 -4.29
N TYR A 432 29.31 14.07 -4.06
CA TYR A 432 28.97 13.59 -2.72
C TYR A 432 29.01 12.07 -2.66
N ARG A 433 29.87 11.45 -3.45
CA ARG A 433 29.92 9.99 -3.52
C ARG A 433 30.24 9.35 -2.18
N LYS A 434 31.07 9.99 -1.36
CA LYS A 434 31.45 9.41 -0.08
C LYS A 434 30.26 9.30 0.86
N GLN A 435 29.45 10.36 0.94
CA GLN A 435 28.27 10.34 1.80
C GLN A 435 27.24 9.33 1.32
N LEU A 436 27.12 9.16 0.00
CA LEU A 436 26.20 8.18 -0.55
C LEU A 436 26.59 6.76 -0.15
N ASP A 437 27.88 6.46 -0.14
CA ASP A 437 28.34 5.14 0.26
C ASP A 437 28.07 4.87 1.73
N ASN A 438 28.25 5.87 2.60
CA ASN A 438 28.04 5.67 4.03
C ASN A 438 26.58 5.35 4.35
N ILE A 439 25.64 6.02 3.68
CA ILE A 439 24.23 5.77 3.95
C ILE A 439 23.84 4.36 3.53
N VAL A 440 24.37 3.89 2.40
CA VAL A 440 23.97 2.58 1.89
C VAL A 440 24.39 1.48 2.85
N GLU A 441 25.56 1.62 3.49
CA GLU A 441 26.03 0.58 4.39
C GLU A 441 25.10 0.40 5.58
N ILE A 442 24.62 1.50 6.16
CA ILE A 442 23.69 1.41 7.28
C ILE A 442 22.36 0.83 6.83
N LEU A 443 21.91 1.17 5.63
CA LEU A 443 20.64 0.69 5.14
C LEU A 443 20.67 -0.82 4.90
N LEU A 444 21.82 -1.35 4.47
CA LEU A 444 21.92 -2.78 4.17
C LEU A 444 21.87 -3.64 5.41
N GLU A 445 22.01 -3.06 6.61
CA GLU A 445 21.95 -3.82 7.85
C GLU A 445 20.68 -3.59 8.65
N LYS A 446 20.11 -2.38 8.59
CA LYS A 446 18.92 -2.04 9.36
C LYS A 446 17.64 -2.07 8.55
N GLU A 447 17.71 -1.84 7.24
CA GLU A 447 16.61 -1.87 6.29
C GLU A 447 15.77 -0.59 6.34
N THR A 448 15.92 0.27 7.34
CA THR A 448 15.08 1.45 7.49
C THR A 448 15.76 2.42 8.44
N ILE A 449 15.75 3.70 8.09
CA ILE A 449 16.26 4.77 8.94
C ILE A 449 15.16 5.77 9.19
N GLU A 450 14.72 5.86 10.44
CA GLU A 450 13.62 6.75 10.82
C GLU A 450 14.13 8.14 11.15
MG MG B . -9.50 -11.80 -0.38
ZN ZN C . 13.08 6.82 -8.17
PG ATP D . -6.86 -10.24 -2.28
O1G ATP D . -6.37 -9.16 -3.17
O2G ATP D . -6.33 -11.62 -2.63
O3G ATP D . -8.38 -10.32 -2.17
PB ATP D . -6.60 -9.00 0.43
O1B ATP D . -5.80 -7.78 0.31
O2B ATP D . -8.10 -8.77 0.51
O3B ATP D . -6.37 -9.99 -0.78
PA ATP D . -6.77 -11.09 2.51
O1A ATP D . -7.19 -10.63 3.85
O2A ATP D . -7.88 -11.70 1.67
O3A ATP D . -6.17 -9.88 1.68
O5' ATP D . -5.55 -12.08 2.60
C5' ATP D . -5.75 -13.51 2.72
C4' ATP D . -4.98 -14.02 3.92
O4' ATP D . -4.00 -13.04 4.22
C3' ATP D . -5.87 -14.03 5.15
O3' ATP D . -6.11 -15.40 5.43
C2' ATP D . -4.94 -13.56 6.29
O2' ATP D . -4.61 -14.74 7.01
C1' ATP D . -3.64 -13.18 5.57
N9 ATP D . -3.18 -11.88 6.00
C8 ATP D . -3.00 -10.78 5.21
N7 ATP D . -2.57 -9.72 5.85
C5 ATP D . -2.46 -10.15 7.15
C6 ATP D . -2.05 -9.49 8.34
N6 ATP D . -1.66 -8.22 8.38
N1 ATP D . -2.05 -10.21 9.48
C2 ATP D . -2.42 -11.48 9.43
N3 ATP D . -2.83 -12.21 8.39
C4 ATP D . -2.82 -11.48 7.27
H5'1 ATP D . -6.69 -13.71 2.83
H5'2 ATP D . -5.42 -13.95 1.92
H4' ATP D . -4.60 -14.90 3.74
H3' ATP D . -6.68 -13.50 5.07
HO3' ATP D . -6.71 -15.43 6.03
H2' ATP D . -5.31 -12.85 6.84
HO2' ATP D . -5.33 -15.03 7.35
H1' ATP D . -2.96 -13.86 5.69
H8 ATP D . -3.18 -10.78 4.30
HN61 ATP D . -1.38 -7.88 9.11
HN62 ATP D . -1.72 -7.73 7.67
H2 ATP D . -2.41 -11.93 10.25
#